data_1S46
#
_entry.id   1S46
#
_cell.length_a   96.253
_cell.length_b   116.630
_cell.length_c   60.539
_cell.angle_alpha   90.00
_cell.angle_beta   90.00
_cell.angle_gamma   90.00
#
_symmetry.space_group_name_H-M   'P 21 21 2'
#
loop_
_entity.id
_entity.type
_entity.pdbx_description
1 polymer amylosucrase
2 non-polymer beta-D-glucopyranose
3 water water
#
_entity_poly.entity_id   1
_entity_poly.type   'polypeptide(L)'
_entity_poly.pdbx_seq_one_letter_code
;SPNSQYLKTRILDIYTPEQRAGIEKSEDWRQFSRRMDTHFPKLMNELDSVYGNNEALLPMLEMLLAQAWQSYSQRNSSLK
DIDIARENNPDWILSNKQVGGVCYVDLFAGDLKGLKDKIPYFQELGLTYLYLMPLFKCPEGKSDGGYAVSSYRDVNPALG
TIGDLREVIAALHEAGISAVVDFIFNHTSNEHEWAQRCAAGDPLFDNFYYIFPDRRMPDQYDRTLREIFPDQHPGGFSQL
EDGRWVWTTFNSFQWDLNYSNPWVFRAMAGEMLFLANLGVDILRMDAVAFIWKQMGTSCENLPQAHALIRAFNAVMRIAA
PAVFFKSQAIVHPDQVVQYIGQDECQIGYNPLQMALLWNTLATREVNLLHQALTYRHNLPEHTAWVNYVRSHDDIGWTFA
DEDAAYLGISGYDHRQFLNRFFVNRFDGSFARGVPFQYNPSTGDCRVSGTAAALVGLAQDDPHAVDRIKLLYSIALSTGG
LPLIYLGDEVGTLNDDDWSQDSNKSDDSRWAHRPRYNEALYAQRNDPSTAAGQIYQGLRHMIAVRQSNPRFDGGRLVTFN
TNNKHIIGYIRNNALLAFGNFSEYPQTVTAHTLQAMPFKAHDLIGGKTVSLNQDLTLQPYQVMWLEIA
;
_entity_poly.pdbx_strand_id   A
#
# COMPACT_ATOMS: atom_id res chain seq x y z
N SER A 1 -28.72 11.78 18.92
CA SER A 1 -27.77 10.66 18.71
C SER A 1 -27.84 9.63 19.85
N PRO A 2 -28.03 8.33 19.52
CA PRO A 2 -28.11 7.26 20.52
C PRO A 2 -26.76 6.89 21.14
N ASN A 3 -26.79 6.28 22.32
CA ASN A 3 -25.57 5.88 23.02
C ASN A 3 -25.29 4.39 22.95
N SER A 4 -24.11 3.99 23.42
CA SER A 4 -23.64 2.60 23.42
C SER A 4 -24.49 1.64 24.25
N GLN A 5 -24.87 2.06 25.46
CA GLN A 5 -25.69 1.26 26.38
C GLN A 5 -27.07 0.94 25.80
N TYR A 6 -27.69 1.93 25.13
CA TYR A 6 -29.01 1.79 24.51
C TYR A 6 -28.97 0.76 23.38
N LEU A 7 -28.03 0.94 22.46
CA LEU A 7 -27.87 0.06 21.31
C LEU A 7 -27.50 -1.37 21.67
N LYS A 8 -26.82 -1.54 22.80
CA LYS A 8 -26.43 -2.87 23.28
C LYS A 8 -27.62 -3.68 23.80
N THR A 9 -28.64 -3.01 24.33
CA THR A 9 -29.85 -3.68 24.83
C THR A 9 -30.76 -4.07 23.65
N ARG A 10 -30.61 -3.32 22.55
CA ARG A 10 -31.38 -3.56 21.32
C ARG A 10 -30.78 -4.72 20.53
N ILE A 11 -29.47 -4.94 20.72
CA ILE A 11 -28.72 -6.03 20.07
C ILE A 11 -29.11 -7.36 20.75
N LEU A 12 -29.32 -7.28 22.06
CA LEU A 12 -29.70 -8.45 22.86
C LEU A 12 -31.18 -8.82 22.78
N ASP A 13 -31.99 -7.99 22.13
CA ASP A 13 -33.43 -8.22 21.97
C ASP A 13 -33.81 -9.40 21.07
N ILE A 14 -32.83 -9.93 20.34
CA ILE A 14 -33.03 -11.08 19.45
C ILE A 14 -33.04 -12.39 20.25
N TYR A 15 -32.50 -12.31 21.46
CA TYR A 15 -32.42 -13.45 22.38
C TYR A 15 -33.61 -13.46 23.35
N THR A 16 -34.07 -14.67 23.68
CA THR A 16 -35.19 -14.87 24.62
C THR A 16 -34.64 -14.66 26.05
N PRO A 17 -35.47 -14.23 27.04
CA PRO A 17 -35.01 -13.99 28.41
C PRO A 17 -34.08 -15.03 29.08
N GLU A 18 -34.26 -16.30 28.70
CA GLU A 18 -33.46 -17.41 29.23
C GLU A 18 -32.02 -17.42 28.72
N GLN A 19 -31.87 -17.28 27.39
CA GLN A 19 -30.55 -17.28 26.76
C GLN A 19 -29.82 -15.92 26.79
N ARG A 20 -30.57 -14.84 27.03
CA ARG A 20 -30.03 -13.47 27.11
C ARG A 20 -29.14 -13.34 28.36
N ALA A 21 -29.57 -13.96 29.45
CA ALA A 21 -28.86 -13.96 30.73
C ALA A 21 -27.54 -14.73 30.63
N GLY A 22 -27.49 -15.70 29.70
CA GLY A 22 -26.30 -16.49 29.48
C GLY A 22 -25.23 -15.76 28.68
N ILE A 23 -25.68 -14.97 27.71
CA ILE A 23 -24.80 -14.16 26.85
C ILE A 23 -24.19 -12.98 27.62
N GLU A 24 -24.97 -12.37 28.52
CA GLU A 24 -24.51 -11.24 29.32
C GLU A 24 -23.38 -11.56 30.31
N LYS A 25 -23.24 -12.84 30.66
CA LYS A 25 -22.22 -13.31 31.59
C LYS A 25 -21.01 -13.91 30.85
N SER A 26 -21.09 -14.05 29.53
CA SER A 26 -20.01 -14.62 28.71
C SER A 26 -18.83 -13.67 28.48
N GLU A 27 -17.67 -14.25 28.18
CA GLU A 27 -16.43 -13.53 27.91
C GLU A 27 -16.45 -12.73 26.61
N ASP A 28 -17.10 -13.28 25.58
CA ASP A 28 -17.22 -12.64 24.27
C ASP A 28 -18.01 -11.32 24.33
N TRP A 29 -19.07 -11.31 25.14
CA TRP A 29 -19.89 -10.11 25.30
C TRP A 29 -19.19 -9.08 26.18
N ARG A 30 -18.44 -9.54 27.18
CA ARG A 30 -17.71 -8.68 28.11
C ARG A 30 -16.64 -7.85 27.37
N GLN A 31 -16.04 -8.46 26.35
CA GLN A 31 -15.01 -7.81 25.54
C GLN A 31 -15.64 -6.86 24.52
N PHE A 32 -16.73 -7.32 23.89
CA PHE A 32 -17.49 -6.54 22.90
C PHE A 32 -18.11 -5.30 23.54
N SER A 33 -18.64 -5.47 24.75
CA SER A 33 -19.29 -4.40 25.52
C SER A 33 -18.29 -3.31 25.92
N ARG A 34 -17.09 -3.74 26.32
CA ARG A 34 -15.99 -2.85 26.72
C ARG A 34 -15.52 -2.01 25.52
N ARG A 35 -15.36 -2.68 24.38
CA ARG A 35 -14.93 -2.06 23.13
C ARG A 35 -16.00 -1.16 22.52
N MET A 36 -17.27 -1.46 22.80
CA MET A 36 -18.39 -0.65 22.33
C MET A 36 -18.38 0.68 23.09
N ASP A 37 -18.23 0.61 24.42
CA ASP A 37 -18.19 1.80 25.28
C ASP A 37 -17.03 2.74 24.95
N THR A 38 -15.89 2.15 24.60
CA THR A 38 -14.67 2.90 24.27
C THR A 38 -14.65 3.45 22.84
N HIS A 39 -15.07 2.62 21.88
CA HIS A 39 -15.01 3.01 20.47
C HIS A 39 -16.28 3.41 19.71
N PHE A 40 -17.45 3.21 20.30
CA PHE A 40 -18.71 3.61 19.64
C PHE A 40 -18.85 5.14 19.45
N PRO A 41 -18.46 5.99 20.46
CA PRO A 41 -18.60 7.44 20.25
C PRO A 41 -17.90 7.95 18.99
N LYS A 42 -16.78 7.32 18.62
CA LYS A 42 -16.04 7.66 17.41
C LYS A 42 -16.81 7.25 16.16
N LEU A 43 -17.44 6.07 16.21
CA LEU A 43 -18.24 5.54 15.08
C LEU A 43 -19.44 6.43 14.83
N MET A 44 -20.14 6.80 15.91
CA MET A 44 -21.32 7.66 15.84
C MET A 44 -20.99 9.04 15.28
N ASN A 45 -19.92 9.65 15.82
CA ASN A 45 -19.44 10.97 15.43
C ASN A 45 -19.01 11.05 13.96
N GLU A 46 -18.31 10.01 13.48
CA GLU A 46 -17.85 9.99 12.10
C GLU A 46 -18.99 9.78 11.11
N LEU A 47 -19.93 8.90 11.46
CA LEU A 47 -21.10 8.63 10.63
C LEU A 47 -22.08 9.80 10.61
N ASP A 48 -22.08 10.59 11.68
CA ASP A 48 -22.92 11.78 11.82
C ASP A 48 -22.41 12.95 10.95
N SER A 49 -21.08 13.09 10.84
CA SER A 49 -20.47 14.16 10.05
C SER A 49 -20.65 13.95 8.54
N VAL A 50 -20.91 12.70 8.17
CA VAL A 50 -21.12 12.30 6.78
C VAL A 50 -22.61 12.26 6.40
N TYR A 51 -23.40 11.52 7.16
CA TYR A 51 -24.83 11.34 6.89
C TYR A 51 -25.78 12.31 7.55
N GLY A 52 -25.37 12.88 8.69
CA GLY A 52 -26.19 13.84 9.41
C GLY A 52 -27.48 13.31 10.01
N ASN A 53 -28.59 13.87 9.56
CA ASN A 53 -29.93 13.50 10.01
C ASN A 53 -30.64 12.56 9.04
N ASN A 54 -29.89 11.75 8.30
CA ASN A 54 -30.45 10.78 7.33
C ASN A 54 -31.34 9.77 8.05
N GLU A 55 -32.55 9.55 7.52
CA GLU A 55 -33.51 8.61 8.10
C GLU A 55 -32.97 7.19 8.20
N ALA A 56 -32.08 6.87 7.27
CA ALA A 56 -31.46 5.56 7.17
C ALA A 56 -30.28 5.33 8.11
N LEU A 57 -29.74 6.40 8.71
CA LEU A 57 -28.59 6.29 9.62
C LEU A 57 -28.80 5.41 10.85
N LEU A 58 -29.85 5.68 11.64
CA LEU A 58 -30.14 4.88 12.83
C LEU A 58 -30.46 3.39 12.50
N PRO A 59 -31.36 3.09 11.51
CA PRO A 59 -31.64 1.66 11.19
C PRO A 59 -30.41 0.92 10.62
N MET A 60 -29.53 1.67 9.95
CA MET A 60 -28.30 1.12 9.37
C MET A 60 -27.32 0.80 10.47
N LEU A 61 -27.20 1.73 11.43
CA LEU A 61 -26.30 1.60 12.57
C LEU A 61 -26.65 0.39 13.43
N GLU A 62 -27.95 0.22 13.70
CA GLU A 62 -28.44 -0.91 14.51
C GLU A 62 -28.19 -2.25 13.80
N MET A 63 -28.39 -2.26 12.48
CA MET A 63 -28.18 -3.46 11.65
C MET A 63 -26.69 -3.81 11.59
N LEU A 64 -25.85 -2.78 11.52
CA LEU A 64 -24.40 -2.91 11.47
C LEU A 64 -23.82 -3.47 12.78
N LEU A 65 -24.30 -2.94 13.91
CA LEU A 65 -23.85 -3.36 15.22
C LEU A 65 -24.31 -4.76 15.60
N ALA A 66 -25.47 -5.16 15.06
CA ALA A 66 -26.04 -6.49 15.28
C ALA A 66 -25.19 -7.50 14.51
N GLN A 67 -24.76 -7.10 13.31
CA GLN A 67 -23.91 -7.91 12.43
C GLN A 67 -22.49 -7.98 13.02
N ALA A 68 -22.05 -6.87 13.61
CA ALA A 68 -20.73 -6.77 14.24
C ALA A 68 -20.61 -7.69 15.44
N TRP A 69 -21.72 -7.89 16.16
CA TRP A 69 -21.76 -8.80 17.31
C TRP A 69 -21.70 -10.23 16.84
N GLN A 70 -22.51 -10.58 15.83
CA GLN A 70 -22.52 -11.94 15.28
C GLN A 70 -21.15 -12.30 14.72
N SER A 71 -20.47 -11.31 14.13
CA SER A 71 -19.13 -11.49 13.56
C SER A 71 -18.09 -11.73 14.65
N TYR A 72 -18.15 -10.97 15.74
CA TYR A 72 -17.20 -11.15 16.85
C TYR A 72 -17.46 -12.45 17.61
N SER A 73 -18.73 -12.86 17.70
CA SER A 73 -19.11 -14.10 18.39
C SER A 73 -18.58 -15.33 17.63
N GLN A 74 -18.69 -15.26 16.29
CA GLN A 74 -18.24 -16.33 15.39
C GLN A 74 -16.72 -16.39 15.20
N ARG A 75 -16.05 -15.27 15.49
CA ARG A 75 -14.59 -15.13 15.35
C ARG A 75 -13.81 -16.19 16.15
N ASN A 76 -12.79 -16.74 15.50
CA ASN A 76 -11.90 -17.78 16.07
C ASN A 76 -11.13 -17.22 17.28
N SER A 77 -10.91 -18.07 18.28
CA SER A 77 -10.21 -17.69 19.51
C SER A 77 -8.73 -17.38 19.33
N SER A 78 -8.12 -17.95 18.29
CA SER A 78 -6.71 -17.70 17.98
C SER A 78 -6.58 -16.27 17.44
N LEU A 79 -7.64 -15.80 16.78
CA LEU A 79 -7.71 -14.45 16.24
C LEU A 79 -8.10 -13.46 17.34
N LYS A 80 -8.83 -13.94 18.34
CA LYS A 80 -9.24 -13.12 19.49
C LYS A 80 -8.05 -12.87 20.41
N ASP A 81 -7.05 -13.76 20.35
CA ASP A 81 -5.82 -13.62 21.13
C ASP A 81 -4.93 -12.57 20.47
N ILE A 82 -5.03 -12.45 19.14
CA ILE A 82 -4.28 -11.46 18.36
C ILE A 82 -4.96 -10.09 18.55
N ASP A 83 -6.27 -10.11 18.79
CA ASP A 83 -7.07 -8.90 19.03
C ASP A 83 -6.58 -8.23 20.31
N ILE A 84 -6.42 -9.04 21.37
CA ILE A 84 -5.95 -8.60 22.68
C ILE A 84 -4.50 -8.11 22.61
N ALA A 85 -3.67 -8.86 21.88
CA ALA A 85 -2.24 -8.55 21.70
C ALA A 85 -1.97 -7.21 21.04
N ARG A 86 -2.67 -6.94 19.93
CA ARG A 86 -2.49 -5.69 19.19
C ARG A 86 -3.18 -4.48 19.81
N GLU A 87 -4.21 -4.74 20.61
CA GLU A 87 -4.97 -3.71 21.33
C GLU A 87 -4.06 -3.11 22.41
N ASN A 88 -3.14 -3.93 22.90
CA ASN A 88 -2.18 -3.54 23.93
C ASN A 88 -0.76 -3.36 23.39
N ASN A 89 -0.63 -3.41 22.07
CA ASN A 89 0.66 -3.21 21.39
C ASN A 89 0.37 -2.51 20.04
N PRO A 90 0.02 -1.19 20.06
CA PRO A 90 -0.28 -0.47 18.82
C PRO A 90 0.95 -0.16 17.93
N ASP A 91 2.13 -0.24 18.53
CA ASP A 91 3.39 0.04 17.84
C ASP A 91 4.08 -1.13 17.17
N TRP A 92 3.37 -2.26 17.03
CA TRP A 92 3.92 -3.48 16.40
C TRP A 92 4.34 -3.24 14.94
N ILE A 93 3.68 -2.26 14.31
CA ILE A 93 3.93 -1.86 12.93
C ILE A 93 5.22 -1.06 12.78
N LEU A 94 5.65 -0.45 13.89
CA LEU A 94 6.85 0.39 13.95
C LEU A 94 8.13 -0.42 14.27
N SER A 95 7.95 -1.70 14.59
CA SER A 95 9.05 -2.60 14.94
C SER A 95 9.99 -2.91 13.77
N ASN A 96 11.30 -2.91 14.04
CA ASN A 96 12.32 -3.20 13.04
C ASN A 96 12.32 -4.67 12.60
N LYS A 97 11.66 -5.50 13.40
CA LYS A 97 11.53 -6.93 13.16
C LYS A 97 10.64 -7.22 11.96
N GLN A 98 9.83 -6.23 11.58
CA GLN A 98 8.91 -6.35 10.46
C GLN A 98 9.51 -6.02 9.08
N VAL A 99 9.39 -6.98 8.17
CA VAL A 99 9.86 -6.87 6.78
C VAL A 99 8.76 -7.55 5.97
N GLY A 100 8.25 -6.85 4.96
CA GLY A 100 7.18 -7.39 4.14
C GLY A 100 7.49 -7.75 2.71
N GLY A 101 6.62 -8.57 2.13
CA GLY A 101 6.76 -8.99 0.75
C GLY A 101 5.43 -9.05 0.03
N VAL A 102 5.42 -8.79 -1.27
CA VAL A 102 4.21 -8.81 -2.10
C VAL A 102 4.35 -9.63 -3.38
N CYS A 103 3.31 -10.39 -3.71
CA CYS A 103 3.29 -11.21 -4.91
C CYS A 103 1.88 -11.58 -5.37
N TYR A 104 1.77 -11.94 -6.65
CA TYR A 104 0.52 -12.41 -7.24
C TYR A 104 0.60 -13.92 -7.06
N VAL A 105 -0.45 -14.50 -6.48
CA VAL A 105 -0.51 -15.94 -6.23
C VAL A 105 -0.37 -16.80 -7.49
N ASP A 106 -0.97 -16.36 -8.60
CA ASP A 106 -0.90 -17.10 -9.87
C ASP A 106 0.45 -17.02 -10.58
N LEU A 107 1.06 -15.83 -10.54
CA LEU A 107 2.34 -15.56 -11.19
C LEU A 107 3.54 -16.05 -10.37
N PHE A 108 3.45 -15.98 -9.05
CA PHE A 108 4.54 -16.41 -8.17
C PHE A 108 4.50 -17.89 -7.78
N ALA A 109 3.30 -18.47 -7.69
CA ALA A 109 3.19 -19.87 -7.27
C ALA A 109 2.11 -20.75 -7.92
N GLY A 110 1.37 -20.21 -8.89
CA GLY A 110 0.34 -20.98 -9.56
C GLY A 110 -1.04 -20.91 -8.91
N ASP A 111 -1.13 -21.43 -7.69
CA ASP A 111 -2.37 -21.44 -6.91
C ASP A 111 -2.10 -21.28 -5.42
N LEU A 112 -3.16 -21.29 -4.60
CA LEU A 112 -3.03 -21.13 -3.14
C LEU A 112 -2.33 -22.30 -2.45
N LYS A 113 -2.46 -23.50 -3.00
CA LYS A 113 -1.80 -24.70 -2.47
C LYS A 113 -0.29 -24.62 -2.75
N GLY A 114 0.04 -23.99 -3.88
CA GLY A 114 1.42 -23.80 -4.29
C GLY A 114 2.08 -22.70 -3.47
N LEU A 115 1.27 -21.74 -3.03
CA LEU A 115 1.73 -20.61 -2.22
C LEU A 115 2.12 -21.05 -0.81
N LYS A 116 1.40 -22.03 -0.26
CA LYS A 116 1.75 -22.51 1.08
C LYS A 116 3.03 -23.36 1.08
N ASP A 117 3.47 -23.76 -0.11
CA ASP A 117 4.71 -24.52 -0.31
C ASP A 117 5.86 -23.52 -0.46
N LYS A 118 5.51 -22.26 -0.69
CA LYS A 118 6.47 -21.17 -0.83
C LYS A 118 6.74 -20.48 0.52
N ILE A 119 6.03 -20.91 1.58
CA ILE A 119 6.20 -20.37 2.93
C ILE A 119 7.62 -20.60 3.52
N PRO A 120 8.26 -21.79 3.32
CA PRO A 120 9.62 -21.95 3.88
C PRO A 120 10.60 -20.95 3.27
N TYR A 121 10.32 -20.52 2.02
CA TYR A 121 11.14 -19.52 1.34
C TYR A 121 10.92 -18.13 1.96
N PHE A 122 9.67 -17.83 2.33
CA PHE A 122 9.35 -16.53 2.94
C PHE A 122 10.03 -16.40 4.30
N GLN A 123 10.25 -17.54 4.96
CA GLN A 123 10.92 -17.60 6.26
C GLN A 123 12.44 -17.50 6.06
N GLU A 124 12.91 -18.00 4.91
CA GLU A 124 14.33 -17.97 4.53
C GLU A 124 14.73 -16.53 4.22
N LEU A 125 13.82 -15.80 3.57
CA LEU A 125 14.03 -14.40 3.22
C LEU A 125 13.88 -13.51 4.47
N GLY A 126 13.16 -14.02 5.47
CA GLY A 126 12.95 -13.31 6.73
C GLY A 126 11.70 -12.46 6.80
N LEU A 127 10.68 -12.81 6.02
CA LEU A 127 9.42 -12.07 6.00
C LEU A 127 8.52 -12.33 7.19
N THR A 128 7.87 -11.26 7.66
CA THR A 128 6.95 -11.33 8.79
C THR A 128 5.61 -10.72 8.34
N TYR A 129 5.50 -10.45 7.04
CA TYR A 129 4.33 -9.81 6.44
C TYR A 129 4.27 -10.22 4.97
N LEU A 130 3.13 -10.74 4.53
CA LEU A 130 2.95 -11.15 3.14
C LEU A 130 1.67 -10.57 2.56
N TYR A 131 1.84 -9.73 1.54
CA TYR A 131 0.71 -9.12 0.85
C TYR A 131 0.40 -9.89 -0.42
N LEU A 132 -0.83 -10.42 -0.46
CA LEU A 132 -1.34 -11.17 -1.59
C LEU A 132 -2.28 -10.30 -2.39
N MET A 133 -2.04 -10.27 -3.70
CA MET A 133 -2.82 -9.50 -4.66
C MET A 133 -4.25 -10.11 -4.79
N PRO A 134 -5.25 -9.35 -5.33
CA PRO A 134 -6.64 -9.84 -5.48
C PRO A 134 -6.90 -11.31 -5.76
N LEU A 135 -7.45 -11.96 -4.73
CA LEU A 135 -7.76 -13.37 -4.71
C LEU A 135 -9.18 -13.77 -5.08
N PHE A 136 -10.09 -12.80 -4.99
CA PHE A 136 -11.50 -13.06 -5.26
C PHE A 136 -11.99 -13.01 -6.70
N LYS A 137 -13.17 -13.59 -6.93
CA LYS A 137 -13.82 -13.69 -8.24
C LYS A 137 -13.94 -12.39 -9.02
N CYS A 138 -13.50 -12.45 -10.28
CA CYS A 138 -13.50 -11.34 -11.22
C CYS A 138 -13.91 -11.87 -12.60
N PRO A 139 -14.43 -11.00 -13.51
CA PRO A 139 -14.83 -11.47 -14.85
C PRO A 139 -13.66 -12.00 -15.68
N GLU A 140 -13.97 -12.90 -16.61
CA GLU A 140 -12.97 -13.51 -17.48
C GLU A 140 -12.48 -12.49 -18.51
N GLY A 141 -11.17 -12.48 -18.73
CA GLY A 141 -10.57 -11.55 -19.66
C GLY A 141 -9.95 -10.38 -18.90
N LYS A 142 -10.39 -9.16 -19.24
CA LYS A 142 -9.88 -7.95 -18.59
C LYS A 142 -10.59 -7.71 -17.26
N SER A 143 -9.81 -7.71 -16.18
CA SER A 143 -10.33 -7.50 -14.83
C SER A 143 -9.48 -6.55 -14.00
N ASP A 144 -8.54 -5.87 -14.67
CA ASP A 144 -7.58 -4.92 -14.06
C ASP A 144 -6.71 -5.67 -13.02
N GLY A 145 -6.27 -6.87 -13.41
CA GLY A 145 -5.44 -7.70 -12.55
C GLY A 145 -6.15 -8.16 -11.28
N GLY A 146 -7.46 -8.40 -11.41
CA GLY A 146 -8.27 -8.82 -10.29
C GLY A 146 -8.93 -7.69 -9.51
N TYR A 147 -8.71 -6.44 -9.93
CA TYR A 147 -9.29 -5.29 -9.24
C TYR A 147 -10.74 -4.91 -9.60
N ALA A 148 -11.40 -5.79 -10.36
CA ALA A 148 -12.79 -5.62 -10.75
C ALA A 148 -13.53 -6.81 -10.14
N VAL A 149 -13.90 -6.69 -8.87
CA VAL A 149 -14.55 -7.77 -8.12
C VAL A 149 -16.02 -8.07 -8.46
N SER A 150 -16.29 -9.34 -8.75
CA SER A 150 -17.63 -9.84 -9.07
C SER A 150 -18.31 -10.51 -7.88
N SER A 151 -17.50 -10.97 -6.93
CA SER A 151 -17.97 -11.62 -5.69
C SER A 151 -16.86 -11.54 -4.64
N TYR A 152 -17.17 -10.92 -3.50
CA TYR A 152 -16.22 -10.77 -2.39
C TYR A 152 -16.15 -12.02 -1.53
N ARG A 153 -17.05 -12.97 -1.79
CA ARG A 153 -17.13 -14.21 -1.02
C ARG A 153 -16.45 -15.40 -1.69
N ASP A 154 -16.53 -15.46 -3.02
CA ASP A 154 -15.95 -16.55 -3.80
C ASP A 154 -14.56 -16.23 -4.32
N VAL A 155 -13.61 -17.10 -3.99
CA VAL A 155 -12.22 -16.99 -4.42
C VAL A 155 -12.16 -17.39 -5.91
N ASN A 156 -11.22 -16.78 -6.64
CA ASN A 156 -10.98 -17.06 -8.07
C ASN A 156 -10.68 -18.56 -8.16
N PRO A 157 -11.54 -19.34 -8.87
CA PRO A 157 -11.38 -20.80 -9.02
C PRO A 157 -10.02 -21.28 -9.53
N ALA A 158 -9.30 -20.42 -10.24
CA ALA A 158 -7.97 -20.71 -10.77
C ALA A 158 -6.92 -20.72 -9.66
N LEU A 159 -7.26 -20.09 -8.54
CA LEU A 159 -6.39 -20.01 -7.37
C LEU A 159 -6.75 -21.02 -6.28
N GLY A 160 -8.03 -21.36 -6.20
CA GLY A 160 -8.50 -22.31 -5.21
C GLY A 160 -9.87 -21.96 -4.66
N THR A 161 -10.17 -22.47 -3.47
CA THR A 161 -11.45 -22.23 -2.79
C THR A 161 -11.27 -21.28 -1.59
N ILE A 162 -12.38 -20.97 -0.91
CA ILE A 162 -12.37 -20.11 0.27
C ILE A 162 -11.73 -20.85 1.45
N GLY A 163 -11.81 -22.18 1.39
CA GLY A 163 -11.23 -23.04 2.41
C GLY A 163 -9.71 -23.10 2.27
N ASP A 164 -9.23 -23.02 1.04
CA ASP A 164 -7.79 -23.03 0.73
C ASP A 164 -7.12 -21.76 1.25
N LEU A 165 -7.88 -20.65 1.23
CA LEU A 165 -7.39 -19.36 1.70
C LEU A 165 -7.27 -19.35 3.23
N ARG A 166 -8.21 -19.99 3.93
CA ARG A 166 -8.20 -20.09 5.39
C ARG A 166 -7.00 -20.90 5.86
N GLU A 167 -6.64 -21.91 5.05
CA GLU A 167 -5.49 -22.80 5.32
C GLU A 167 -4.17 -22.06 5.13
N VAL A 168 -4.11 -21.19 4.11
CA VAL A 168 -2.92 -20.39 3.80
C VAL A 168 -2.68 -19.37 4.91
N ILE A 169 -3.75 -18.66 5.31
CA ILE A 169 -3.66 -17.63 6.37
C ILE A 169 -3.24 -18.23 7.71
N ALA A 170 -3.75 -19.42 8.03
CA ALA A 170 -3.41 -20.12 9.27
C ALA A 170 -1.96 -20.62 9.24
N ALA A 171 -1.50 -21.05 8.06
CA ALA A 171 -0.13 -21.54 7.85
C ALA A 171 0.87 -20.39 7.88
N LEU A 172 0.41 -19.19 7.52
CA LEU A 172 1.23 -17.98 7.54
C LEU A 172 1.42 -17.55 8.99
N HIS A 173 0.34 -17.65 9.78
CA HIS A 173 0.35 -17.30 11.20
C HIS A 173 1.25 -18.20 12.05
N GLU A 174 1.31 -19.48 11.66
CA GLU A 174 2.13 -20.48 12.35
C GLU A 174 3.61 -20.24 12.04
N ALA A 175 3.86 -19.64 10.88
CA ALA A 175 5.21 -19.31 10.42
C ALA A 175 5.68 -17.92 10.91
N GLY A 176 4.79 -17.24 11.65
CA GLY A 176 5.09 -15.92 12.18
C GLY A 176 4.96 -14.82 11.13
N ILE A 177 4.10 -15.05 10.14
CA ILE A 177 3.87 -14.12 9.04
C ILE A 177 2.42 -13.60 9.08
N SER A 178 2.27 -12.28 8.97
CA SER A 178 0.96 -11.63 8.94
C SER A 178 0.38 -11.65 7.54
N ALA A 179 -0.94 -11.92 7.44
CA ALA A 179 -1.64 -11.98 6.16
C ALA A 179 -2.26 -10.64 5.80
N VAL A 180 -1.87 -10.12 4.62
CA VAL A 180 -2.34 -8.82 4.13
C VAL A 180 -2.97 -8.98 2.75
N VAL A 181 -4.20 -8.46 2.59
CA VAL A 181 -4.93 -8.52 1.30
C VAL A 181 -5.61 -7.18 1.02
N ASP A 182 -6.17 -7.05 -0.19
CA ASP A 182 -6.86 -5.83 -0.61
C ASP A 182 -8.32 -5.76 -0.17
N PHE A 183 -8.74 -4.53 0.10
CA PHE A 183 -10.12 -4.25 0.44
C PHE A 183 -10.50 -3.28 -0.67
N ILE A 184 -10.97 -3.84 -1.78
CA ILE A 184 -11.38 -3.10 -2.97
C ILE A 184 -12.78 -2.57 -2.65
N PHE A 185 -12.81 -1.35 -2.10
CA PHE A 185 -14.05 -0.73 -1.67
C PHE A 185 -14.60 0.50 -2.39
N ASN A 186 -13.78 1.10 -3.25
CA ASN A 186 -14.23 2.27 -3.99
C ASN A 186 -15.08 1.84 -5.17
N HIS A 187 -14.82 0.62 -5.65
CA HIS A 187 -15.49 0.09 -6.82
C HIS A 187 -15.63 -1.43 -6.87
N THR A 188 -16.60 -1.90 -7.67
CA THR A 188 -16.85 -3.32 -7.91
C THR A 188 -16.94 -3.44 -9.45
N SER A 189 -17.01 -4.68 -9.94
CA SER A 189 -17.16 -4.94 -11.38
C SER A 189 -18.58 -4.62 -11.80
N ASN A 190 -18.79 -4.46 -13.12
CA ASN A 190 -20.12 -4.18 -13.67
C ASN A 190 -20.94 -5.47 -13.73
N GLU A 191 -20.28 -6.59 -13.47
CA GLU A 191 -20.88 -7.91 -13.45
C GLU A 191 -21.17 -8.41 -12.03
N HIS A 192 -20.98 -7.53 -11.05
CA HIS A 192 -21.26 -7.84 -9.64
C HIS A 192 -22.79 -7.78 -9.49
N GLU A 193 -23.32 -8.64 -8.60
CA GLU A 193 -24.76 -8.73 -8.33
C GLU A 193 -25.39 -7.38 -7.98
N TRP A 194 -24.69 -6.57 -7.18
CA TRP A 194 -25.15 -5.25 -6.76
C TRP A 194 -25.27 -4.29 -7.95
N ALA A 195 -24.31 -4.40 -8.86
CA ALA A 195 -24.25 -3.59 -10.09
C ALA A 195 -25.37 -3.86 -11.07
N GLN A 196 -25.59 -5.14 -11.36
CA GLN A 196 -26.64 -5.59 -12.27
C GLN A 196 -28.03 -5.25 -11.75
N ARG A 197 -28.23 -5.42 -10.44
CA ARG A 197 -29.51 -5.13 -9.78
C ARG A 197 -29.80 -3.62 -9.67
N CYS A 198 -28.76 -2.81 -9.46
CA CYS A 198 -28.90 -1.36 -9.36
C CYS A 198 -29.31 -0.77 -10.71
N ALA A 199 -28.67 -1.26 -11.78
CA ALA A 199 -28.94 -0.83 -13.16
C ALA A 199 -30.30 -1.34 -13.67
N ALA A 200 -30.71 -2.51 -13.18
CA ALA A 200 -31.98 -3.14 -13.56
C ALA A 200 -33.19 -2.47 -12.89
N GLY A 201 -32.92 -1.66 -11.88
CA GLY A 201 -33.99 -0.95 -11.17
C GLY A 201 -34.52 -1.59 -9.90
N ASP A 202 -33.77 -2.53 -9.31
CA ASP A 202 -34.16 -3.21 -8.08
C ASP A 202 -34.09 -2.16 -6.95
N PRO A 203 -35.23 -1.89 -6.25
CA PRO A 203 -35.29 -0.91 -5.15
C PRO A 203 -34.39 -1.16 -3.94
N LEU A 204 -33.94 -2.41 -3.78
CA LEU A 204 -33.07 -2.81 -2.68
C LEU A 204 -31.64 -2.32 -2.95
N PHE A 205 -31.30 -2.20 -4.22
CA PHE A 205 -29.98 -1.74 -4.63
C PHE A 205 -29.99 -0.36 -5.30
N ASP A 206 -30.94 0.47 -4.90
CA ASP A 206 -31.09 1.83 -5.41
C ASP A 206 -30.01 2.72 -4.79
N ASN A 207 -29.43 3.58 -5.63
CA ASN A 207 -28.37 4.53 -5.28
C ASN A 207 -27.10 3.85 -4.73
N PHE A 208 -26.80 2.66 -5.26
CA PHE A 208 -25.61 1.91 -4.84
C PHE A 208 -24.39 2.32 -5.66
N TYR A 209 -24.65 2.97 -6.80
CA TYR A 209 -23.65 3.50 -7.73
C TYR A 209 -24.14 4.86 -8.19
N TYR A 210 -23.34 5.56 -8.99
CA TYR A 210 -23.72 6.88 -9.50
C TYR A 210 -24.13 6.76 -10.97
N ILE A 211 -25.44 6.61 -11.20
CA ILE A 211 -25.97 6.47 -12.55
C ILE A 211 -26.75 7.73 -12.95
N PHE A 212 -26.42 8.25 -14.13
CA PHE A 212 -27.01 9.47 -14.68
C PHE A 212 -27.72 9.20 -16.03
N PRO A 213 -28.82 9.94 -16.33
CA PRO A 213 -29.56 9.74 -17.59
C PRO A 213 -28.87 10.21 -18.90
N ASP A 214 -28.08 11.27 -18.81
CA ASP A 214 -27.38 11.85 -19.96
C ASP A 214 -26.01 12.43 -19.59
N ARG A 215 -25.50 13.34 -20.42
CA ARG A 215 -24.20 13.98 -20.18
C ARG A 215 -24.22 15.27 -19.36
N ARG A 216 -25.40 15.74 -18.93
CA ARG A 216 -25.52 17.00 -18.16
C ARG A 216 -24.65 17.05 -16.90
N MET A 217 -24.86 16.12 -15.97
CA MET A 217 -24.06 16.07 -14.74
C MET A 217 -22.64 15.58 -15.01
N PRO A 218 -22.45 14.52 -15.87
CA PRO A 218 -21.08 14.06 -16.15
C PRO A 218 -20.14 15.13 -16.72
N ASP A 219 -20.66 16.03 -17.55
CA ASP A 219 -19.87 17.11 -18.14
C ASP A 219 -19.46 18.14 -17.09
N GLN A 220 -20.38 18.41 -16.15
CA GLN A 220 -20.14 19.36 -15.07
C GLN A 220 -19.11 18.86 -14.06
N TYR A 221 -19.12 17.55 -13.81
CA TYR A 221 -18.16 16.92 -12.89
C TYR A 221 -16.77 16.85 -13.54
N ASP A 222 -16.72 16.52 -14.82
CA ASP A 222 -15.49 16.39 -15.62
C ASP A 222 -14.60 17.63 -15.73
N ARG A 223 -15.15 18.78 -15.35
CA ARG A 223 -14.43 20.07 -15.36
C ARG A 223 -13.30 20.06 -14.34
N THR A 224 -13.48 19.29 -13.26
CA THR A 224 -12.50 19.21 -12.18
C THR A 224 -11.94 17.81 -11.89
N LEU A 225 -12.36 16.81 -12.66
CA LEU A 225 -11.89 15.43 -12.45
C LEU A 225 -10.57 15.08 -13.13
N ARG A 226 -9.70 14.44 -12.36
CA ARG A 226 -8.39 13.98 -12.84
C ARG A 226 -8.61 12.63 -13.53
N GLU A 227 -7.90 12.42 -14.64
CA GLU A 227 -8.00 11.17 -15.41
C GLU A 227 -6.93 10.18 -14.94
N ILE A 228 -7.38 9.02 -14.45
CA ILE A 228 -6.49 7.97 -13.98
C ILE A 228 -6.04 7.10 -15.15
N PHE A 229 -7.01 6.66 -15.97
CA PHE A 229 -6.72 5.88 -17.17
C PHE A 229 -7.31 6.60 -18.39
N PRO A 230 -6.64 7.67 -18.90
CA PRO A 230 -7.14 8.41 -20.07
C PRO A 230 -7.21 7.65 -21.41
N ASP A 231 -6.50 6.52 -21.48
CA ASP A 231 -6.47 5.66 -22.67
C ASP A 231 -7.78 4.87 -22.81
N GLN A 232 -8.43 4.61 -21.68
CA GLN A 232 -9.69 3.85 -21.64
C GLN A 232 -10.93 4.68 -21.95
N HIS A 233 -11.03 5.86 -21.34
CA HIS A 233 -12.17 6.76 -21.51
C HIS A 233 -11.83 8.17 -21.02
N PRO A 234 -12.46 9.22 -21.60
CA PRO A 234 -12.16 10.58 -21.10
C PRO A 234 -12.94 10.83 -19.80
N GLY A 235 -12.36 11.64 -18.91
CA GLY A 235 -12.99 11.96 -17.63
C GLY A 235 -13.16 10.79 -16.67
N GLY A 236 -14.24 10.81 -15.90
CA GLY A 236 -14.50 9.75 -14.95
C GLY A 236 -15.82 9.04 -15.18
N PHE A 237 -16.31 9.04 -16.43
CA PHE A 237 -17.60 8.42 -16.79
C PHE A 237 -17.57 7.51 -18.02
N SER A 238 -18.42 6.48 -17.99
CA SER A 238 -18.57 5.52 -19.08
C SER A 238 -20.05 5.29 -19.38
N GLN A 239 -20.36 4.99 -20.64
CA GLN A 239 -21.74 4.76 -21.08
C GLN A 239 -22.15 3.29 -21.11
N LEU A 240 -23.42 3.05 -20.78
CA LEU A 240 -24.03 1.72 -20.78
C LEU A 240 -24.70 1.50 -22.14
N GLU A 241 -25.19 0.27 -22.37
CA GLU A 241 -25.87 -0.07 -23.62
C GLU A 241 -27.23 0.63 -23.81
N ASP A 242 -27.86 1.03 -22.70
CA ASP A 242 -29.15 1.71 -22.74
C ASP A 242 -29.07 3.23 -22.93
N GLY A 243 -27.86 3.79 -22.87
CA GLY A 243 -27.67 5.22 -23.05
C GLY A 243 -27.32 5.99 -21.79
N ARG A 244 -27.45 5.35 -20.62
CA ARG A 244 -27.15 5.99 -19.34
C ARG A 244 -25.64 6.03 -19.07
N TRP A 245 -25.23 6.96 -18.21
CA TRP A 245 -23.81 7.13 -17.85
C TRP A 245 -23.55 6.79 -16.38
N VAL A 246 -22.45 6.10 -16.12
CA VAL A 246 -22.07 5.69 -14.77
C VAL A 246 -20.67 6.17 -14.38
N TRP A 247 -20.47 6.44 -13.08
CA TRP A 247 -19.17 6.88 -12.57
C TRP A 247 -18.18 5.73 -12.56
N THR A 248 -17.12 5.90 -13.35
CA THR A 248 -16.04 4.93 -13.50
C THR A 248 -14.71 5.68 -13.43
N THR A 249 -14.18 5.83 -12.22
CA THR A 249 -12.90 6.53 -12.00
C THR A 249 -11.75 5.78 -12.70
N PHE A 250 -11.88 4.47 -12.72
CA PHE A 250 -10.86 3.61 -13.33
C PHE A 250 -11.32 3.08 -14.68
N ASN A 251 -11.35 1.76 -14.88
CA ASN A 251 -11.80 1.19 -16.15
C ASN A 251 -13.32 1.26 -16.27
N SER A 252 -13.81 1.12 -17.50
CA SER A 252 -15.24 1.16 -17.81
C SER A 252 -16.05 0.07 -17.10
N PHE A 253 -15.38 -1.05 -16.83
CA PHE A 253 -15.99 -2.19 -16.16
C PHE A 253 -15.91 -2.12 -14.62
N GLN A 254 -15.33 -1.05 -14.10
CA GLN A 254 -15.20 -0.83 -12.65
C GLN A 254 -16.09 0.36 -12.26
N TRP A 255 -17.24 0.05 -11.68
CA TRP A 255 -18.22 1.06 -11.27
C TRP A 255 -18.02 1.51 -9.83
N ASP A 256 -17.96 2.83 -9.63
CA ASP A 256 -17.76 3.43 -8.30
C ASP A 256 -18.96 3.27 -7.37
N LEU A 257 -18.70 2.74 -6.17
CA LEU A 257 -19.73 2.53 -5.13
C LEU A 257 -20.16 3.88 -4.56
N ASN A 258 -21.45 4.02 -4.26
CA ASN A 258 -22.03 5.25 -3.74
C ASN A 258 -22.11 5.32 -2.22
N TYR A 259 -21.08 5.91 -1.62
CA TYR A 259 -21.03 6.05 -0.16
C TYR A 259 -21.93 7.13 0.43
N SER A 260 -22.72 7.80 -0.43
CA SER A 260 -23.67 8.82 0.02
C SER A 260 -24.94 8.15 0.52
N ASN A 261 -25.02 6.86 0.22
CA ASN A 261 -26.12 5.98 0.62
C ASN A 261 -25.54 5.24 1.84
N PRO A 262 -26.20 5.36 3.02
CA PRO A 262 -25.75 4.69 4.25
C PRO A 262 -25.67 3.17 4.14
N TRP A 263 -26.49 2.61 3.26
CA TRP A 263 -26.56 1.17 3.03
C TRP A 263 -25.33 0.57 2.34
N VAL A 264 -24.57 1.42 1.64
CA VAL A 264 -23.34 1.01 0.96
C VAL A 264 -22.24 0.86 2.01
N PHE A 265 -22.27 1.72 3.04
CA PHE A 265 -21.29 1.65 4.13
C PHE A 265 -21.51 0.32 4.86
N ARG A 266 -22.78 0.02 5.16
CA ARG A 266 -23.20 -1.20 5.85
C ARG A 266 -22.77 -2.43 5.06
N ALA A 267 -23.07 -2.42 3.76
CA ALA A 267 -22.74 -3.52 2.85
C ALA A 267 -21.24 -3.79 2.83
N MET A 268 -20.46 -2.71 2.75
CA MET A 268 -19.00 -2.82 2.73
C MET A 268 -18.36 -3.13 4.07
N ALA A 269 -19.01 -2.70 5.15
CA ALA A 269 -18.53 -2.98 6.50
C ALA A 269 -18.77 -4.46 6.80
N GLY A 270 -19.79 -5.03 6.14
CA GLY A 270 -20.13 -6.43 6.27
C GLY A 270 -19.10 -7.28 5.54
N GLU A 271 -18.59 -6.76 4.42
CA GLU A 271 -17.56 -7.42 3.63
C GLU A 271 -16.22 -7.35 4.34
N MET A 272 -16.03 -6.29 5.14
CA MET A 272 -14.81 -6.08 5.91
C MET A 272 -14.75 -7.09 7.06
N LEU A 273 -15.91 -7.34 7.68
CA LEU A 273 -16.04 -8.27 8.79
C LEU A 273 -15.80 -9.71 8.35
N PHE A 274 -16.16 -10.00 7.09
CA PHE A 274 -15.96 -11.32 6.48
C PHE A 274 -14.46 -11.56 6.30
N LEU A 275 -13.77 -10.54 5.78
CA LEU A 275 -12.32 -10.60 5.55
C LEU A 275 -11.55 -10.67 6.86
N ALA A 276 -12.07 -10.00 7.89
CA ALA A 276 -11.48 -9.98 9.23
C ALA A 276 -11.49 -11.36 9.88
N ASN A 277 -12.61 -12.08 9.73
CA ASN A 277 -12.78 -13.42 10.31
C ASN A 277 -12.06 -14.54 9.56
N LEU A 278 -11.49 -14.21 8.41
CA LEU A 278 -10.70 -15.16 7.61
C LEU A 278 -9.31 -15.21 8.22
N GLY A 279 -8.98 -14.16 9.00
CA GLY A 279 -7.70 -14.06 9.66
C GLY A 279 -6.77 -13.00 9.12
N VAL A 280 -7.29 -12.13 8.26
CA VAL A 280 -6.50 -11.05 7.66
C VAL A 280 -6.05 -10.08 8.75
N ASP A 281 -4.76 -9.75 8.74
CA ASP A 281 -4.17 -8.86 9.73
C ASP A 281 -4.25 -7.40 9.31
N ILE A 282 -3.94 -7.12 8.04
CA ILE A 282 -3.97 -5.77 7.50
C ILE A 282 -4.73 -5.73 6.17
N LEU A 283 -5.62 -4.76 6.03
CA LEU A 283 -6.39 -4.58 4.79
C LEU A 283 -5.86 -3.38 4.02
N ARG A 284 -5.56 -3.59 2.73
CA ARG A 284 -5.06 -2.51 1.89
C ARG A 284 -6.25 -1.73 1.34
N MET A 285 -6.34 -0.48 1.78
CA MET A 285 -7.41 0.42 1.38
C MET A 285 -6.98 1.24 0.17
N ASP A 286 -7.21 0.68 -1.01
CA ASP A 286 -6.88 1.32 -2.27
C ASP A 286 -8.01 2.23 -2.67
N ALA A 287 -7.64 3.35 -3.28
CA ALA A 287 -8.55 4.37 -3.79
C ALA A 287 -9.40 5.05 -2.71
N VAL A 288 -8.74 5.30 -1.57
CA VAL A 288 -9.34 5.97 -0.40
C VAL A 288 -9.70 7.41 -0.72
N ALA A 289 -8.98 7.96 -1.70
CA ALA A 289 -9.16 9.33 -2.17
C ALA A 289 -10.45 9.57 -2.92
N PHE A 290 -10.95 8.53 -3.59
CA PHE A 290 -12.14 8.65 -4.41
C PHE A 290 -13.49 8.26 -3.81
N ILE A 291 -13.53 7.85 -2.54
CA ILE A 291 -14.80 7.40 -1.94
C ILE A 291 -15.89 8.44 -1.65
N TRP A 292 -15.61 9.71 -1.95
CA TRP A 292 -16.60 10.77 -1.78
C TRP A 292 -16.53 11.73 -2.95
N LYS A 293 -17.71 12.07 -3.47
CA LYS A 293 -17.85 12.97 -4.62
C LYS A 293 -18.61 14.24 -4.27
N GLN A 294 -18.25 15.34 -4.92
CA GLN A 294 -18.90 16.64 -4.75
C GLN A 294 -18.61 17.53 -5.95
N MET A 295 -19.69 18.10 -6.49
CA MET A 295 -19.65 19.01 -7.65
C MET A 295 -18.79 20.24 -7.38
N GLY A 296 -17.91 20.56 -8.33
CA GLY A 296 -17.04 21.71 -8.20
C GLY A 296 -15.67 21.38 -7.61
N THR A 297 -15.54 20.21 -7.00
CA THR A 297 -14.28 19.75 -6.41
C THR A 297 -13.68 18.63 -7.25
N SER A 298 -12.44 18.26 -6.95
CA SER A 298 -11.73 17.20 -7.67
C SER A 298 -12.24 15.79 -7.34
N CYS A 299 -13.15 15.71 -6.36
CA CYS A 299 -13.74 14.47 -5.86
C CYS A 299 -12.66 13.52 -5.33
N GLU A 300 -11.61 14.15 -4.82
CA GLU A 300 -10.45 13.48 -4.24
C GLU A 300 -10.15 14.13 -2.90
N ASN A 301 -9.79 13.29 -1.92
CA ASN A 301 -9.40 13.71 -0.56
C ASN A 301 -10.38 14.63 0.18
N LEU A 302 -11.68 14.45 -0.10
CA LEU A 302 -12.72 15.26 0.53
C LEU A 302 -12.89 14.85 2.00
N PRO A 303 -13.27 15.81 2.89
CA PRO A 303 -13.47 15.52 4.33
C PRO A 303 -14.23 14.26 4.71
N GLN A 304 -15.34 14.01 4.01
CA GLN A 304 -16.18 12.85 4.28
C GLN A 304 -15.52 11.52 3.92
N ALA A 305 -14.51 11.57 3.03
CA ALA A 305 -13.77 10.39 2.62
C ALA A 305 -12.94 9.89 3.80
N HIS A 306 -12.30 10.84 4.49
CA HIS A 306 -11.47 10.57 5.68
C HIS A 306 -12.33 10.09 6.85
N ALA A 307 -13.51 10.69 6.97
CA ALA A 307 -14.46 10.37 8.03
C ALA A 307 -15.06 8.97 7.91
N LEU A 308 -15.20 8.50 6.66
CA LEU A 308 -15.73 7.17 6.38
C LEU A 308 -14.69 6.09 6.72
N ILE A 309 -13.42 6.40 6.51
CA ILE A 309 -12.31 5.47 6.81
C ILE A 309 -12.20 5.35 8.33
N ARG A 310 -12.39 6.48 9.02
CA ARG A 310 -12.34 6.53 10.47
C ARG A 310 -13.53 5.78 11.09
N ALA A 311 -14.63 5.71 10.34
CA ALA A 311 -15.83 4.98 10.78
C ALA A 311 -15.57 3.48 10.62
N PHE A 312 -14.93 3.10 9.51
CA PHE A 312 -14.57 1.71 9.22
C PHE A 312 -13.57 1.21 10.28
N ASN A 313 -12.69 2.11 10.71
CA ASN A 313 -11.67 1.83 11.73
C ASN A 313 -12.33 1.48 13.05
N ALA A 314 -13.37 2.23 13.42
CA ALA A 314 -14.12 2.02 14.65
C ALA A 314 -14.85 0.68 14.66
N VAL A 315 -15.34 0.24 13.50
CA VAL A 315 -16.04 -1.05 13.35
C VAL A 315 -15.03 -2.17 13.66
N MET A 316 -13.78 -1.95 13.27
CA MET A 316 -12.70 -2.90 13.52
C MET A 316 -12.25 -2.87 14.97
N ARG A 317 -12.22 -1.69 15.58
CA ARG A 317 -11.81 -1.57 16.99
C ARG A 317 -12.81 -2.24 17.94
N ILE A 318 -14.03 -2.43 17.44
CA ILE A 318 -15.13 -3.05 18.17
C ILE A 318 -15.24 -4.56 17.91
N ALA A 319 -15.28 -4.95 16.64
CA ALA A 319 -15.45 -6.36 16.25
C ALA A 319 -14.25 -7.19 15.77
N ALA A 320 -13.08 -6.57 15.61
CA ALA A 320 -11.85 -7.26 15.19
C ALA A 320 -10.61 -6.35 15.35
N PRO A 321 -10.23 -6.00 16.61
CA PRO A 321 -9.07 -5.14 16.92
C PRO A 321 -7.72 -5.41 16.27
N ALA A 322 -7.51 -6.64 15.80
CA ALA A 322 -6.27 -7.05 15.15
C ALA A 322 -6.11 -6.50 13.75
N VAL A 323 -7.25 -6.17 13.13
CA VAL A 323 -7.29 -5.66 11.76
C VAL A 323 -6.92 -4.18 11.64
N PHE A 324 -5.74 -3.95 11.07
CA PHE A 324 -5.19 -2.62 10.82
C PHE A 324 -5.38 -2.27 9.35
N PHE A 325 -5.24 -0.99 9.02
CA PHE A 325 -5.41 -0.54 7.63
C PHE A 325 -4.14 0.01 7.00
N LYS A 326 -4.03 -0.21 5.70
CA LYS A 326 -2.91 0.27 4.89
C LYS A 326 -3.47 1.15 3.77
N SER A 327 -3.19 2.45 3.86
CA SER A 327 -3.64 3.42 2.87
C SER A 327 -2.78 3.45 1.61
N GLN A 328 -3.46 3.46 0.46
CA GLN A 328 -2.80 3.57 -0.83
C GLN A 328 -3.41 4.83 -1.45
N ALA A 329 -2.70 5.94 -1.27
CA ALA A 329 -3.10 7.23 -1.79
C ALA A 329 -1.93 7.81 -2.57
N ILE A 330 -1.99 7.66 -3.89
CA ILE A 330 -0.97 8.16 -4.80
C ILE A 330 -1.42 9.55 -5.23
N VAL A 331 -1.32 10.47 -4.28
CA VAL A 331 -1.75 11.87 -4.45
C VAL A 331 -0.65 12.82 -3.99
N HIS A 332 -0.98 14.11 -3.90
CA HIS A 332 -0.06 15.17 -3.46
C HIS A 332 0.38 14.83 -2.02
N PRO A 333 1.70 14.97 -1.69
CA PRO A 333 2.22 14.67 -0.35
C PRO A 333 1.43 15.21 0.85
N ASP A 334 0.86 16.40 0.70
CA ASP A 334 0.05 17.05 1.75
C ASP A 334 -1.21 16.25 2.04
N GLN A 335 -1.70 15.55 1.01
CA GLN A 335 -2.91 14.74 1.11
C GLN A 335 -2.64 13.29 1.52
N VAL A 336 -1.45 12.76 1.19
CA VAL A 336 -1.06 11.38 1.52
C VAL A 336 -1.02 11.15 3.04
N VAL A 337 -0.38 12.09 3.73
CA VAL A 337 -0.20 12.07 5.18
C VAL A 337 -1.50 12.19 6.02
N GLN A 338 -2.53 12.80 5.44
CA GLN A 338 -3.81 12.99 6.11
C GLN A 338 -4.63 11.71 6.33
N TYR A 339 -4.27 10.65 5.60
CA TYR A 339 -4.93 9.36 5.71
C TYR A 339 -4.32 8.52 6.83
N ILE A 340 -3.14 8.94 7.27
CA ILE A 340 -2.41 8.23 8.31
C ILE A 340 -2.69 8.78 9.71
N GLY A 341 -3.28 7.91 10.54
CA GLY A 341 -3.63 8.23 11.91
C GLY A 341 -4.06 6.94 12.57
N GLN A 342 -3.91 6.86 13.89
CA GLN A 342 -4.29 5.66 14.66
C GLN A 342 -5.78 5.33 14.50
N ASP A 343 -6.59 6.38 14.39
CA ASP A 343 -8.03 6.26 14.23
C ASP A 343 -8.48 6.24 12.77
N GLU A 344 -7.53 6.23 11.85
CA GLU A 344 -7.82 6.20 10.41
C GLU A 344 -7.09 5.00 9.81
N CYS A 345 -6.00 5.23 9.08
CA CYS A 345 -5.20 4.14 8.52
C CYS A 345 -3.91 4.19 9.31
N GLN A 346 -3.64 3.14 10.09
CA GLN A 346 -2.45 3.07 10.93
C GLN A 346 -1.15 3.09 10.14
N ILE A 347 -1.17 2.49 8.95
CA ILE A 347 -0.02 2.51 8.07
C ILE A 347 -0.45 3.01 6.69
N GLY A 348 0.51 3.45 5.90
CA GLY A 348 0.20 3.93 4.58
C GLY A 348 1.42 3.93 3.70
N TYR A 349 1.20 3.74 2.40
CA TYR A 349 2.29 3.73 1.42
C TYR A 349 2.99 5.08 1.40
N ASN A 350 4.27 5.05 1.06
CA ASN A 350 5.10 6.26 0.99
C ASN A 350 5.50 6.49 -0.48
N PRO A 351 4.57 6.98 -1.35
CA PRO A 351 4.94 7.21 -2.76
C PRO A 351 5.98 8.30 -2.96
N LEU A 352 6.06 9.23 -2.00
CA LEU A 352 7.01 10.33 -2.06
C LEU A 352 8.46 9.83 -1.99
N GLN A 353 8.78 9.02 -0.97
CA GLN A 353 10.14 8.47 -0.83
C GLN A 353 10.47 7.55 -2.01
N MET A 354 9.50 6.72 -2.40
CA MET A 354 9.63 5.77 -3.52
C MET A 354 9.98 6.48 -4.83
N ALA A 355 9.15 7.47 -5.19
CA ALA A 355 9.33 8.24 -6.43
C ALA A 355 10.62 9.05 -6.43
N LEU A 356 10.97 9.59 -5.26
CA LEU A 356 12.19 10.38 -5.12
C LEU A 356 13.46 9.56 -5.11
N LEU A 357 13.33 8.26 -4.88
CA LEU A 357 14.46 7.32 -4.88
C LEU A 357 14.90 7.14 -6.32
N TRP A 358 13.90 7.05 -7.20
CA TRP A 358 14.11 6.89 -8.63
C TRP A 358 14.59 8.18 -9.27
N ASN A 359 14.04 9.31 -8.79
CA ASN A 359 14.41 10.64 -9.28
C ASN A 359 15.90 10.90 -9.01
N THR A 360 16.34 10.52 -7.81
CA THR A 360 17.71 10.70 -7.36
C THR A 360 18.69 9.79 -8.12
N LEU A 361 18.21 8.65 -8.59
CA LEU A 361 19.04 7.72 -9.36
C LEU A 361 19.27 8.31 -10.76
N ALA A 362 18.29 9.09 -11.22
CA ALA A 362 18.33 9.75 -12.53
C ALA A 362 19.16 11.03 -12.56
N THR A 363 18.90 11.92 -11.59
CA THR A 363 19.58 13.21 -11.49
C THR A 363 20.94 13.16 -10.83
N ARG A 364 21.17 12.10 -10.02
CA ARG A 364 22.38 11.87 -9.23
C ARG A 364 22.47 12.85 -8.05
N GLU A 365 21.43 13.68 -7.90
CA GLU A 365 21.34 14.70 -6.86
C GLU A 365 20.27 14.39 -5.81
N VAL A 366 20.69 14.42 -4.55
CA VAL A 366 19.81 14.09 -3.42
C VAL A 366 18.92 15.19 -2.84
N ASN A 367 18.97 16.39 -3.45
CA ASN A 367 18.20 17.56 -3.01
C ASN A 367 16.73 17.35 -2.64
N LEU A 368 15.98 16.73 -3.54
CA LEU A 368 14.56 16.45 -3.34
C LEU A 368 14.30 15.38 -2.28
N LEU A 369 15.13 14.34 -2.29
CA LEU A 369 15.03 13.23 -1.33
C LEU A 369 15.35 13.72 0.08
N HIS A 370 16.38 14.57 0.21
CA HIS A 370 16.81 15.15 1.48
C HIS A 370 15.66 15.96 2.09
N GLN A 371 15.04 16.78 1.25
CA GLN A 371 13.92 17.66 1.62
C GLN A 371 12.73 16.84 2.16
N ALA A 372 12.43 15.73 1.48
CA ALA A 372 11.34 14.83 1.85
C ALA A 372 11.61 14.12 3.18
N LEU A 373 12.84 13.66 3.37
CA LEU A 373 13.23 12.97 4.60
C LEU A 373 13.35 13.89 5.82
N THR A 374 13.59 15.18 5.57
CA THR A 374 13.73 16.19 6.62
C THR A 374 12.38 16.75 7.08
N TYR A 375 11.50 17.05 6.13
CA TYR A 375 10.20 17.66 6.43
C TYR A 375 8.93 16.81 6.35
N ARG A 376 8.96 15.71 5.61
CA ARG A 376 7.77 14.88 5.43
C ARG A 376 7.87 13.41 5.86
N HIS A 377 8.90 13.04 6.63
CA HIS A 377 9.04 11.65 7.06
C HIS A 377 8.37 11.32 8.38
N ASN A 378 8.60 12.15 9.39
CA ASN A 378 8.04 11.95 10.72
C ASN A 378 6.52 11.99 10.74
N LEU A 379 5.95 10.95 11.37
CA LEU A 379 4.51 10.74 11.47
C LEU A 379 4.02 10.79 12.92
N PRO A 380 2.68 10.92 13.16
CA PRO A 380 2.17 10.96 14.55
C PRO A 380 2.43 9.63 15.26
N GLU A 381 2.20 9.59 16.58
CA GLU A 381 2.40 8.38 17.36
C GLU A 381 1.45 7.27 16.93
N HIS A 382 1.91 6.03 17.08
CA HIS A 382 1.19 4.78 16.76
C HIS A 382 0.88 4.58 15.27
N THR A 383 1.71 5.19 14.41
CA THR A 383 1.58 5.08 12.95
C THR A 383 2.93 4.86 12.28
N ALA A 384 2.93 4.28 11.08
CA ALA A 384 4.16 4.01 10.33
C ALA A 384 3.96 4.11 8.82
N TRP A 385 5.06 4.32 8.08
CA TRP A 385 5.02 4.38 6.63
C TRP A 385 5.29 2.97 6.09
N VAL A 386 4.79 2.69 4.90
CA VAL A 386 5.09 1.44 4.23
C VAL A 386 6.00 1.91 3.10
N ASN A 387 7.31 1.73 3.34
CA ASN A 387 8.35 2.13 2.40
C ASN A 387 8.59 1.05 1.37
N TYR A 388 8.63 1.45 0.10
CA TYR A 388 8.82 0.51 -1.00
C TYR A 388 9.67 1.10 -2.13
N VAL A 389 10.13 0.22 -3.00
CA VAL A 389 10.94 0.58 -4.16
C VAL A 389 10.07 0.43 -5.40
N ARG A 390 9.35 -0.70 -5.49
CA ARG A 390 8.43 -0.97 -6.60
C ARG A 390 7.17 -1.70 -6.13
N SER A 391 6.14 -1.64 -6.97
CA SER A 391 4.86 -2.29 -6.69
C SER A 391 4.35 -2.87 -8.02
N HIS A 392 3.10 -3.32 -8.01
CA HIS A 392 2.44 -3.89 -9.20
C HIS A 392 2.00 -2.77 -10.13
N ASP A 393 2.01 -1.55 -9.58
CA ASP A 393 1.62 -0.35 -10.29
C ASP A 393 2.79 0.37 -10.90
N ASP A 394 2.45 1.35 -11.72
CA ASP A 394 3.36 2.23 -12.41
C ASP A 394 3.95 3.24 -11.42
N ILE A 395 5.03 3.91 -11.83
CA ILE A 395 5.64 4.93 -10.99
C ILE A 395 5.09 6.29 -11.41
N GLY A 396 4.54 6.99 -10.43
CA GLY A 396 4.00 8.32 -10.65
C GLY A 396 4.94 9.27 -9.94
N TRP A 397 5.25 10.41 -10.55
CA TRP A 397 6.15 11.39 -9.96
C TRP A 397 5.37 12.35 -9.07
N THR A 398 4.80 11.78 -8.02
CA THR A 398 3.98 12.52 -7.06
C THR A 398 4.70 13.32 -5.99
N PHE A 399 5.68 14.10 -6.40
CA PHE A 399 6.39 14.99 -5.48
C PHE A 399 5.61 16.31 -5.53
N ALA A 400 5.80 17.16 -4.52
CA ALA A 400 5.11 18.44 -4.47
C ALA A 400 5.83 19.52 -5.29
N ASP A 401 5.07 20.18 -6.18
CA ASP A 401 5.56 21.26 -7.04
C ASP A 401 6.06 22.45 -6.22
N GLU A 402 5.41 22.66 -5.08
CA GLU A 402 5.73 23.75 -4.15
C GLU A 402 7.07 23.48 -3.45
N ASP A 403 7.32 22.21 -3.14
CA ASP A 403 8.56 21.75 -2.50
C ASP A 403 9.71 21.87 -3.50
N ALA A 404 9.43 21.50 -4.76
CA ALA A 404 10.40 21.56 -5.85
C ALA A 404 10.75 22.99 -6.23
N ALA A 405 9.74 23.88 -6.17
CA ALA A 405 9.90 25.30 -6.49
C ALA A 405 10.83 26.02 -5.52
N TYR A 406 10.86 25.55 -4.27
CA TYR A 406 11.71 26.10 -3.22
C TYR A 406 13.18 25.78 -3.52
N LEU A 407 13.40 24.71 -4.29
CA LEU A 407 14.75 24.28 -4.68
C LEU A 407 15.12 24.74 -6.09
N GLY A 408 14.23 25.53 -6.70
CA GLY A 408 14.46 26.07 -8.04
C GLY A 408 14.23 25.07 -9.16
N ILE A 409 13.35 24.11 -8.90
CA ILE A 409 13.01 23.06 -9.87
C ILE A 409 11.56 23.23 -10.32
N SER A 410 11.37 23.28 -11.65
CA SER A 410 10.03 23.40 -12.25
C SER A 410 9.45 21.99 -12.33
N GLY A 411 8.32 21.79 -11.65
CA GLY A 411 7.63 20.50 -11.60
C GLY A 411 7.29 19.85 -12.93
N TYR A 412 6.69 20.62 -13.85
CA TYR A 412 6.31 20.12 -15.17
C TYR A 412 7.52 19.66 -15.99
N ASP A 413 8.54 20.52 -16.08
CA ASP A 413 9.76 20.23 -16.84
C ASP A 413 10.57 19.05 -16.28
N HIS A 414 10.54 18.90 -14.96
CA HIS A 414 11.25 17.83 -14.27
C HIS A 414 10.60 16.47 -14.53
N ARG A 415 9.27 16.44 -14.58
CA ARG A 415 8.51 15.23 -14.84
C ARG A 415 8.65 14.80 -16.30
N GLN A 416 8.89 15.79 -17.17
CA GLN A 416 9.10 15.58 -18.61
C GLN A 416 10.43 14.84 -18.76
N PHE A 417 11.44 15.29 -17.99
CA PHE A 417 12.78 14.68 -17.98
C PHE A 417 12.73 13.26 -17.40
N LEU A 418 12.15 13.11 -16.20
CA LEU A 418 12.05 11.82 -15.52
C LEU A 418 11.35 10.75 -16.35
N ASN A 419 10.27 11.14 -17.03
CA ASN A 419 9.52 10.21 -17.89
C ASN A 419 10.34 9.80 -19.11
N ARG A 420 11.06 10.75 -19.70
CA ARG A 420 11.91 10.50 -20.86
C ARG A 420 13.13 9.65 -20.48
N PHE A 421 13.69 9.89 -19.30
CA PHE A 421 14.85 9.15 -18.79
C PHE A 421 14.49 7.68 -18.56
N PHE A 422 13.43 7.45 -17.80
CA PHE A 422 13.00 6.11 -17.47
C PHE A 422 12.39 5.23 -18.54
N VAL A 423 12.11 5.80 -19.73
CA VAL A 423 11.56 5.03 -20.84
C VAL A 423 12.59 4.90 -21.97
N ASN A 424 13.85 5.21 -21.64
CA ASN A 424 15.01 5.16 -22.55
C ASN A 424 14.88 6.12 -23.75
N ARG A 425 14.46 7.34 -23.45
CA ARG A 425 14.30 8.39 -24.46
C ARG A 425 15.12 9.64 -24.07
N PHE A 426 16.28 9.38 -23.47
CA PHE A 426 17.24 10.40 -23.04
C PHE A 426 18.61 9.78 -23.22
N ASP A 427 19.58 10.58 -23.68
CA ASP A 427 20.95 10.16 -23.92
C ASP A 427 21.69 9.63 -22.69
N GLY A 428 22.29 8.45 -22.86
CA GLY A 428 23.06 7.81 -21.80
C GLY A 428 22.27 7.18 -20.67
N SER A 429 20.95 7.09 -20.85
CA SER A 429 20.06 6.50 -19.85
C SER A 429 20.27 4.99 -19.67
N PHE A 430 20.32 4.57 -18.42
CA PHE A 430 20.50 3.15 -18.07
C PHE A 430 19.16 2.43 -17.93
N ALA A 431 18.09 3.21 -17.85
CA ALA A 431 16.74 2.66 -17.67
C ALA A 431 16.08 2.12 -18.93
N ARG A 432 15.38 0.99 -18.76
CA ARG A 432 14.67 0.32 -19.86
C ARG A 432 13.20 0.09 -19.49
N GLY A 433 12.50 1.18 -19.19
CA GLY A 433 11.08 1.10 -18.85
C GLY A 433 10.21 1.41 -20.06
N VAL A 434 8.90 1.28 -19.89
CA VAL A 434 7.91 1.56 -20.96
C VAL A 434 6.87 2.56 -20.44
N PRO A 435 6.32 3.45 -21.32
CA PRO A 435 5.32 4.43 -20.87
C PRO A 435 3.99 3.84 -20.42
N PHE A 436 3.29 4.57 -19.56
CA PHE A 436 1.97 4.18 -19.09
C PHE A 436 1.12 5.43 -18.92
N GLN A 437 -0.04 5.41 -19.58
CA GLN A 437 -1.03 6.48 -19.58
C GLN A 437 -0.54 7.88 -19.93
N TYR A 438 0.07 8.00 -21.10
CA TYR A 438 0.52 9.30 -21.59
C TYR A 438 -0.77 10.03 -21.95
N ASN A 439 -0.95 11.19 -21.32
CA ASN A 439 -2.12 12.03 -21.52
C ASN A 439 -1.66 13.24 -22.35
N PRO A 440 -2.02 13.30 -23.65
CA PRO A 440 -1.62 14.43 -24.51
C PRO A 440 -2.27 15.76 -24.11
N SER A 441 -3.38 15.66 -23.39
CA SER A 441 -4.14 16.81 -22.91
C SER A 441 -3.51 17.50 -21.70
N THR A 442 -2.71 16.75 -20.92
CA THR A 442 -2.04 17.31 -19.73
C THR A 442 -0.50 17.24 -19.78
N GLY A 443 0.02 16.28 -20.53
CA GLY A 443 1.47 16.09 -20.64
C GLY A 443 1.99 15.13 -19.59
N ASP A 444 1.08 14.62 -18.77
CA ASP A 444 1.36 13.67 -17.70
C ASP A 444 1.60 12.26 -18.24
N CYS A 445 2.54 11.55 -17.62
CA CYS A 445 2.87 10.18 -18.01
C CYS A 445 3.49 9.46 -16.81
N ARG A 446 3.24 8.15 -16.75
CA ARG A 446 3.76 7.30 -15.69
C ARG A 446 4.68 6.24 -16.29
N VAL A 447 5.50 5.61 -15.45
CA VAL A 447 6.47 4.61 -15.90
C VAL A 447 6.23 3.18 -15.41
N SER A 448 6.33 2.24 -16.36
CA SER A 448 6.18 0.82 -16.07
C SER A 448 7.55 0.16 -16.26
N GLY A 449 7.80 -0.92 -15.50
CA GLY A 449 9.06 -1.63 -15.57
C GLY A 449 9.50 -2.06 -14.18
N THR A 450 10.15 -3.24 -14.08
CA THR A 450 10.63 -3.78 -12.80
C THR A 450 11.82 -2.98 -12.28
N ALA A 451 12.20 -3.21 -11.03
CA ALA A 451 13.34 -2.53 -10.41
C ALA A 451 14.62 -2.78 -11.19
N ALA A 452 14.78 -4.03 -11.63
CA ALA A 452 15.95 -4.48 -12.40
C ALA A 452 16.05 -3.84 -13.78
N ALA A 453 14.90 -3.67 -14.44
CA ALA A 453 14.82 -3.08 -15.77
C ALA A 453 15.11 -1.58 -15.78
N LEU A 454 14.72 -0.91 -14.70
CA LEU A 454 14.90 0.53 -14.55
C LEU A 454 16.29 0.94 -14.06
N VAL A 455 17.07 -0.02 -13.55
CA VAL A 455 18.43 0.25 -13.07
C VAL A 455 19.48 -0.16 -14.11
N GLY A 456 19.03 -0.91 -15.10
CA GLY A 456 19.92 -1.35 -16.16
C GLY A 456 20.39 -2.79 -16.20
N LEU A 457 19.75 -3.69 -15.44
CA LEU A 457 20.16 -5.09 -15.43
C LEU A 457 19.86 -5.87 -16.71
N ALA A 458 18.92 -5.35 -17.52
CA ALA A 458 18.55 -5.98 -18.80
C ALA A 458 19.70 -5.97 -19.81
N GLN A 459 20.48 -4.89 -19.83
CA GLN A 459 21.63 -4.74 -20.73
C GLN A 459 22.95 -5.05 -20.01
N ASP A 460 22.84 -5.60 -18.79
CA ASP A 460 23.96 -5.98 -17.91
C ASP A 460 24.90 -4.84 -17.50
N ASP A 461 24.30 -3.72 -17.10
CA ASP A 461 25.04 -2.52 -16.63
C ASP A 461 25.76 -2.95 -15.34
N PRO A 462 27.11 -2.78 -15.28
CA PRO A 462 27.89 -3.16 -14.09
C PRO A 462 27.55 -2.46 -12.76
N HIS A 463 26.74 -1.40 -12.85
CA HIS A 463 26.30 -0.63 -11.68
C HIS A 463 24.90 -1.03 -11.21
N ALA A 464 24.19 -1.79 -12.06
CA ALA A 464 22.81 -2.23 -11.80
C ALA A 464 22.50 -2.92 -10.47
N VAL A 465 23.33 -3.88 -10.09
CA VAL A 465 23.19 -4.64 -8.83
C VAL A 465 23.32 -3.72 -7.60
N ASP A 466 24.29 -2.81 -7.65
CA ASP A 466 24.53 -1.87 -6.57
C ASP A 466 23.41 -0.83 -6.43
N ARG A 467 22.76 -0.50 -7.54
CA ARG A 467 21.64 0.46 -7.56
C ARG A 467 20.43 -0.12 -6.82
N ILE A 468 20.15 -1.39 -7.04
CA ILE A 468 19.04 -2.11 -6.38
C ILE A 468 19.28 -2.19 -4.87
N LYS A 469 20.52 -2.53 -4.49
CA LYS A 469 20.94 -2.63 -3.09
C LYS A 469 20.85 -1.28 -2.39
N LEU A 470 21.08 -0.20 -3.15
CA LEU A 470 21.01 1.16 -2.63
C LEU A 470 19.58 1.62 -2.39
N LEU A 471 18.70 1.40 -3.37
CA LEU A 471 17.29 1.78 -3.27
C LEU A 471 16.59 1.05 -2.14
N TYR A 472 16.86 -0.26 -2.03
CA TYR A 472 16.27 -1.09 -0.99
C TYR A 472 16.77 -0.78 0.41
N SER A 473 18.03 -0.32 0.51
CA SER A 473 18.64 0.04 1.79
C SER A 473 17.93 1.21 2.45
N ILE A 474 17.47 2.15 1.61
CA ILE A 474 16.75 3.34 2.05
C ILE A 474 15.35 2.94 2.56
N ALA A 475 14.70 2.02 1.83
CA ALA A 475 13.37 1.53 2.20
C ALA A 475 13.41 0.69 3.47
N LEU A 476 14.53 -0.01 3.67
CA LEU A 476 14.74 -0.88 4.83
C LEU A 476 15.25 -0.20 6.09
N SER A 477 15.84 0.99 5.95
CA SER A 477 16.40 1.69 7.10
C SER A 477 15.89 3.07 7.50
N THR A 478 15.05 3.69 6.67
CA THR A 478 14.53 5.03 6.99
C THR A 478 13.57 5.09 8.16
N GLY A 479 12.86 3.98 8.37
CA GLY A 479 11.89 3.91 9.44
C GLY A 479 10.53 3.70 8.85
N GLY A 480 9.95 2.55 9.18
CA GLY A 480 8.65 2.18 8.69
C GLY A 480 8.72 0.73 8.29
N LEU A 481 7.62 0.18 7.79
CA LEU A 481 7.53 -1.21 7.38
C LEU A 481 7.91 -1.33 5.89
N PRO A 482 9.05 -1.97 5.57
CA PRO A 482 9.49 -2.13 4.18
C PRO A 482 8.76 -3.23 3.43
N LEU A 483 8.37 -2.92 2.19
CA LEU A 483 7.63 -3.87 1.36
C LEU A 483 8.41 -4.17 0.08
N ILE A 484 8.92 -5.40 0.02
CA ILE A 484 9.68 -5.90 -1.11
C ILE A 484 8.76 -6.48 -2.17
N TYR A 485 8.96 -6.07 -3.42
CA TYR A 485 8.17 -6.60 -4.53
C TYR A 485 8.89 -7.90 -4.87
N LEU A 486 8.28 -9.03 -4.50
CA LEU A 486 8.87 -10.35 -4.73
C LEU A 486 9.22 -10.60 -6.18
N GLY A 487 10.51 -10.87 -6.38
CA GLY A 487 11.08 -11.08 -7.69
C GLY A 487 12.24 -10.11 -7.83
N ASP A 488 12.17 -8.98 -7.10
CA ASP A 488 13.23 -7.95 -7.10
C ASP A 488 14.49 -8.44 -6.40
N GLU A 489 14.34 -9.36 -5.44
CA GLU A 489 15.46 -9.90 -4.68
C GLU A 489 16.38 -10.83 -5.49
N VAL A 490 15.98 -11.15 -6.72
CA VAL A 490 16.79 -11.97 -7.62
C VAL A 490 16.99 -11.26 -8.96
N GLY A 491 16.57 -10.00 -9.00
CA GLY A 491 16.70 -9.16 -10.18
C GLY A 491 15.86 -9.56 -11.40
N THR A 492 14.58 -9.87 -11.18
CA THR A 492 13.69 -10.27 -12.27
C THR A 492 13.42 -9.11 -13.22
N LEU A 493 13.59 -9.39 -14.52
CA LEU A 493 13.39 -8.41 -15.58
C LEU A 493 11.94 -8.34 -16.01
N ASN A 494 11.66 -7.52 -17.04
CA ASN A 494 10.31 -7.34 -17.56
C ASN A 494 9.77 -8.56 -18.29
N ASP A 495 8.43 -8.64 -18.37
CA ASP A 495 7.72 -9.70 -19.08
C ASP A 495 7.80 -9.18 -20.52
N ASP A 496 8.49 -9.91 -21.38
CA ASP A 496 8.69 -9.52 -22.78
C ASP A 496 7.46 -9.65 -23.68
N ASP A 497 6.65 -10.67 -23.40
CA ASP A 497 5.45 -10.96 -24.19
C ASP A 497 4.11 -10.45 -23.64
N TRP A 498 4.12 -9.30 -22.96
CA TRP A 498 2.90 -8.70 -22.42
C TRP A 498 2.12 -7.98 -23.53
N SER A 499 2.85 -7.28 -24.39
CA SER A 499 2.33 -6.49 -25.52
C SER A 499 1.62 -7.26 -26.60
N GLN A 500 1.96 -8.54 -26.68
CA GLN A 500 1.36 -9.46 -27.64
C GLN A 500 0.49 -10.45 -26.85
N ASP A 501 -0.56 -9.90 -26.23
CA ASP A 501 -1.56 -10.61 -25.43
C ASP A 501 -2.72 -9.62 -25.40
N SER A 502 -3.83 -9.98 -26.07
CA SER A 502 -5.03 -9.14 -26.19
C SER A 502 -5.66 -8.59 -24.90
N ASN A 503 -5.49 -9.32 -23.80
CA ASN A 503 -6.03 -8.92 -22.50
C ASN A 503 -5.08 -8.06 -21.67
N LYS A 504 -3.82 -7.96 -22.12
CA LYS A 504 -2.78 -7.22 -21.42
C LYS A 504 -2.17 -6.05 -22.21
N SER A 505 -2.31 -6.08 -23.53
CA SER A 505 -1.74 -5.08 -24.45
C SER A 505 -2.06 -3.60 -24.25
N ASP A 506 -3.20 -3.29 -23.64
CA ASP A 506 -3.62 -1.90 -23.39
C ASP A 506 -3.22 -1.37 -22.00
N ASP A 507 -2.50 -2.21 -21.25
CA ASP A 507 -2.05 -1.90 -19.89
C ASP A 507 -0.58 -2.31 -19.78
N SER A 508 0.32 -1.31 -19.79
CA SER A 508 1.76 -1.56 -19.71
C SER A 508 2.29 -2.00 -18.36
N ARG A 509 1.42 -2.04 -17.36
CA ARG A 509 1.78 -2.45 -16.01
C ARG A 509 2.12 -3.93 -15.93
N TRP A 510 1.71 -4.69 -16.97
CA TRP A 510 1.99 -6.13 -17.03
C TRP A 510 3.45 -6.42 -17.38
N ALA A 511 4.17 -5.36 -17.78
CA ALA A 511 5.60 -5.46 -18.10
C ALA A 511 6.35 -5.72 -16.81
N HIS A 512 5.87 -5.12 -15.72
CA HIS A 512 6.48 -5.31 -14.42
C HIS A 512 5.79 -6.31 -13.50
N ARG A 513 5.00 -7.20 -14.11
CA ARG A 513 4.30 -8.25 -13.37
C ARG A 513 4.68 -9.61 -14.01
N PRO A 514 6.00 -9.99 -13.97
CA PRO A 514 6.37 -11.27 -14.58
C PRO A 514 6.13 -12.46 -13.66
N ARG A 515 6.23 -13.66 -14.23
CA ARG A 515 6.05 -14.90 -13.48
C ARG A 515 7.30 -15.21 -12.66
N TYR A 516 7.20 -16.22 -11.80
CA TYR A 516 8.32 -16.69 -10.96
C TYR A 516 9.41 -17.18 -11.90
N ASN A 517 10.58 -16.55 -11.83
CA ASN A 517 11.70 -16.95 -12.68
C ASN A 517 12.49 -18.04 -11.93
N GLU A 518 12.27 -19.28 -12.35
CA GLU A 518 12.92 -20.47 -11.77
C GLU A 518 14.45 -20.41 -11.83
N ALA A 519 14.96 -19.96 -12.98
CA ALA A 519 16.39 -19.84 -13.25
C ALA A 519 17.14 -18.85 -12.34
N LEU A 520 16.51 -17.70 -12.07
CA LEU A 520 17.11 -16.68 -11.21
C LEU A 520 17.06 -17.03 -9.74
N TYR A 521 16.01 -17.76 -9.34
CA TYR A 521 15.85 -18.18 -7.95
C TYR A 521 16.80 -19.32 -7.57
N ALA A 522 17.24 -20.08 -8.58
CA ALA A 522 18.16 -21.20 -8.40
C ALA A 522 19.62 -20.69 -8.33
N GLN A 523 19.80 -19.41 -8.63
CA GLN A 523 21.10 -18.75 -8.62
C GLN A 523 21.28 -17.84 -7.40
N ARG A 524 20.28 -17.81 -6.52
CA ARG A 524 20.28 -16.94 -5.34
C ARG A 524 21.39 -17.12 -4.30
N ASN A 525 22.01 -18.30 -4.28
CA ASN A 525 23.11 -18.60 -3.34
C ASN A 525 24.49 -18.57 -4.01
N ASP A 526 24.52 -18.19 -5.29
CA ASP A 526 25.76 -18.10 -6.07
C ASP A 526 26.20 -16.61 -6.13
N PRO A 527 27.30 -16.23 -5.44
CA PRO A 527 27.80 -14.85 -5.41
C PRO A 527 28.42 -14.31 -6.71
N SER A 528 28.44 -15.16 -7.74
CA SER A 528 29.00 -14.82 -9.05
C SER A 528 27.94 -14.34 -10.04
N THR A 529 26.68 -14.59 -9.71
CA THR A 529 25.55 -14.19 -10.54
C THR A 529 24.94 -12.90 -10.01
N ALA A 530 24.22 -12.19 -10.88
CA ALA A 530 23.55 -10.94 -10.52
C ALA A 530 22.46 -11.23 -9.48
N ALA A 531 21.81 -12.38 -9.65
CA ALA A 531 20.74 -12.84 -8.75
C ALA A 531 21.23 -13.13 -7.33
N GLY A 532 22.42 -13.73 -7.25
CA GLY A 532 23.01 -14.06 -5.97
C GLY A 532 23.55 -12.86 -5.23
N GLN A 533 24.06 -11.89 -6.00
CA GLN A 533 24.60 -10.64 -5.44
C GLN A 533 23.48 -9.78 -4.86
N ILE A 534 22.32 -9.78 -5.53
CA ILE A 534 21.14 -9.03 -5.08
C ILE A 534 20.48 -9.70 -3.87
N TYR A 535 20.32 -11.02 -3.91
CA TYR A 535 19.71 -11.77 -2.81
C TYR A 535 20.50 -11.66 -1.52
N GLN A 536 21.79 -12.04 -1.58
CA GLN A 536 22.67 -11.99 -0.41
C GLN A 536 22.88 -10.56 0.11
N GLY A 537 22.80 -9.58 -0.80
CA GLY A 537 22.94 -8.18 -0.46
C GLY A 537 21.71 -7.70 0.32
N LEU A 538 20.53 -8.06 -0.17
CA LEU A 538 19.27 -7.71 0.47
C LEU A 538 19.00 -8.51 1.73
N ARG A 539 19.39 -9.79 1.73
CA ARG A 539 19.21 -10.70 2.88
C ARG A 539 20.04 -10.22 4.07
N HIS A 540 21.24 -9.71 3.79
CA HIS A 540 22.15 -9.19 4.81
C HIS A 540 21.52 -7.94 5.47
N MET A 541 20.93 -7.07 4.64
CA MET A 541 20.28 -5.84 5.10
C MET A 541 19.04 -6.12 5.93
N ILE A 542 18.31 -7.18 5.57
CA ILE A 542 17.10 -7.62 6.28
C ILE A 542 17.52 -8.20 7.64
N ALA A 543 18.59 -8.99 7.65
CA ALA A 543 19.13 -9.61 8.86
C ALA A 543 19.59 -8.57 9.88
N VAL A 544 20.28 -7.54 9.37
CA VAL A 544 20.78 -6.43 10.19
C VAL A 544 19.62 -5.59 10.76
N ARG A 545 18.62 -5.28 9.92
CA ARG A 545 17.45 -4.50 10.32
C ARG A 545 16.66 -5.17 11.46
N GLN A 546 16.41 -6.48 11.30
CA GLN A 546 15.65 -7.27 12.27
C GLN A 546 16.33 -7.59 13.59
N SER A 547 17.66 -7.72 13.58
CA SER A 547 18.43 -8.03 14.79
C SER A 547 18.93 -6.82 15.57
N ASN A 548 19.21 -5.73 14.86
CA ASN A 548 19.74 -4.49 15.46
C ASN A 548 18.63 -3.50 15.87
N PRO A 549 18.52 -3.17 17.18
CA PRO A 549 17.52 -2.24 17.72
C PRO A 549 17.64 -0.76 17.32
N ARG A 550 18.74 -0.40 16.65
CA ARG A 550 18.97 0.98 16.20
C ARG A 550 18.09 1.41 15.03
N PHE A 551 17.39 0.45 14.43
CA PHE A 551 16.49 0.69 13.30
C PHE A 551 15.02 0.75 13.74
N ASP A 552 14.78 0.54 15.03
CA ASP A 552 13.43 0.55 15.61
C ASP A 552 12.75 1.91 15.52
N GLY A 553 11.43 1.87 15.30
CA GLY A 553 10.65 3.10 15.17
C GLY A 553 10.60 3.64 13.75
N GLY A 554 9.88 4.74 13.57
CA GLY A 554 9.73 5.34 12.26
C GLY A 554 10.35 6.71 12.12
N ARG A 555 10.97 7.19 13.20
CA ARG A 555 11.58 8.52 13.24
C ARG A 555 13.02 8.59 12.76
N LEU A 556 13.37 9.72 12.14
CA LEU A 556 14.72 9.97 11.65
C LEU A 556 15.05 11.46 11.70
N VAL A 557 16.35 11.73 11.65
CA VAL A 557 16.91 13.09 11.64
C VAL A 557 17.91 13.02 10.49
N THR A 558 17.79 13.94 9.53
CA THR A 558 18.72 13.97 8.40
C THR A 558 20.08 14.56 8.75
N PHE A 559 21.10 14.15 8.01
CA PHE A 559 22.46 14.62 8.21
C PHE A 559 22.91 15.30 6.93
N ASN A 560 23.39 16.54 7.06
CA ASN A 560 23.89 17.32 5.93
C ASN A 560 25.28 16.81 5.60
N THR A 561 25.37 16.10 4.47
CA THR A 561 26.62 15.49 4.00
C THR A 561 27.58 16.43 3.30
N ASN A 562 27.04 17.55 2.84
CA ASN A 562 27.77 18.59 2.09
C ASN A 562 28.29 18.09 0.74
N ASN A 563 27.62 17.06 0.23
CA ASN A 563 27.90 16.44 -1.06
C ASN A 563 26.51 16.17 -1.65
N LYS A 564 26.19 16.89 -2.73
CA LYS A 564 24.89 16.79 -3.42
C LYS A 564 24.49 15.41 -3.94
N HIS A 565 25.46 14.50 -3.99
CA HIS A 565 25.26 13.13 -4.49
C HIS A 565 25.04 12.09 -3.39
N ILE A 566 25.37 12.45 -2.15
CA ILE A 566 25.25 11.52 -1.01
C ILE A 566 24.13 11.91 -0.05
N ILE A 567 23.27 10.93 0.26
CA ILE A 567 22.16 11.11 1.20
C ILE A 567 22.68 10.69 2.59
N GLY A 568 22.17 11.34 3.61
CA GLY A 568 22.58 11.03 4.97
C GLY A 568 21.46 11.21 5.98
N TYR A 569 21.31 10.21 6.85
CA TYR A 569 20.30 10.24 7.89
C TYR A 569 20.70 9.46 9.13
N ILE A 570 20.21 9.89 10.29
CA ILE A 570 20.51 9.25 11.56
C ILE A 570 19.26 8.63 12.18
N ARG A 571 19.40 7.37 12.59
CA ARG A 571 18.34 6.60 13.22
C ARG A 571 18.64 6.41 14.71
N ASN A 572 17.68 6.76 15.55
CA ASN A 572 17.76 6.64 17.03
C ASN A 572 19.02 7.24 17.69
N ASN A 573 19.61 8.22 17.01
CA ASN A 573 20.85 8.92 17.42
C ASN A 573 22.01 7.92 17.61
N ALA A 574 21.88 6.77 16.95
CA ALA A 574 22.86 5.69 17.04
C ALA A 574 23.29 5.05 15.73
N LEU A 575 22.57 5.32 14.64
CA LEU A 575 22.89 4.75 13.34
C LEU A 575 22.94 5.81 12.24
N LEU A 576 24.15 6.03 11.72
CA LEU A 576 24.38 7.00 10.65
C LEU A 576 24.46 6.30 9.30
N ALA A 577 23.47 6.58 8.45
CA ALA A 577 23.39 5.97 7.14
C ALA A 577 23.80 6.92 6.01
N PHE A 578 24.66 6.41 5.13
CA PHE A 578 25.15 7.15 3.96
C PHE A 578 24.81 6.36 2.70
N GLY A 579 24.41 7.08 1.66
CA GLY A 579 24.08 6.45 0.39
C GLY A 579 24.50 7.30 -0.80
N ASN A 580 25.47 6.80 -1.56
CA ASN A 580 26.00 7.48 -2.74
C ASN A 580 25.11 7.20 -3.95
N PHE A 581 24.55 8.27 -4.53
CA PHE A 581 23.68 8.13 -5.70
C PHE A 581 24.35 8.47 -7.03
N SER A 582 25.68 8.51 -7.03
CA SER A 582 26.48 8.79 -8.21
C SER A 582 27.18 7.53 -8.68
N GLU A 583 27.53 7.49 -9.98
CA GLU A 583 28.22 6.35 -10.58
C GLU A 583 29.75 6.53 -10.49
N TYR A 584 30.17 7.58 -9.80
CA TYR A 584 31.57 7.94 -9.59
C TYR A 584 31.85 7.98 -8.07
N PRO A 585 33.13 7.85 -7.63
CA PRO A 585 33.40 7.90 -6.18
C PRO A 585 33.13 9.30 -5.60
N GLN A 586 32.40 9.34 -4.49
CA GLN A 586 32.05 10.61 -3.83
C GLN A 586 32.55 10.66 -2.40
N THR A 587 32.88 11.87 -1.94
CA THR A 587 33.44 12.07 -0.61
C THR A 587 32.67 12.93 0.39
N VAL A 588 32.65 12.46 1.65
CA VAL A 588 32.06 13.19 2.78
C VAL A 588 33.36 13.58 3.50
N THR A 589 33.68 14.87 3.49
CA THR A 589 34.92 15.40 4.10
C THR A 589 35.09 15.19 5.60
N ALA A 590 36.34 15.33 6.05
CA ALA A 590 36.72 15.19 7.46
C ALA A 590 36.04 16.30 8.25
N HIS A 591 35.88 17.45 7.58
CA HIS A 591 35.26 18.63 8.18
C HIS A 591 33.79 18.43 8.55
N THR A 592 33.06 17.76 7.66
CA THR A 592 31.64 17.46 7.84
C THR A 592 31.43 16.44 8.96
N LEU A 593 32.42 15.56 9.14
CA LEU A 593 32.37 14.48 10.12
C LEU A 593 32.97 14.73 11.51
N GLN A 594 33.33 15.99 11.80
CA GLN A 594 33.94 16.39 13.08
C GLN A 594 33.20 16.03 14.38
N ALA A 595 31.87 16.06 14.34
CA ALA A 595 31.02 15.76 15.50
C ALA A 595 30.85 14.28 15.78
N MET A 596 31.18 13.46 14.80
CA MET A 596 31.07 12.00 14.86
C MET A 596 32.29 11.38 15.56
N PRO A 597 32.13 10.19 16.20
CA PRO A 597 33.28 9.55 16.88
C PRO A 597 34.37 9.13 15.90
N PHE A 598 35.61 9.01 16.39
CA PHE A 598 36.78 8.65 15.59
C PHE A 598 36.65 7.41 14.70
N LYS A 599 36.10 6.34 15.27
CA LYS A 599 35.88 5.08 14.55
C LYS A 599 34.44 4.62 14.68
N ALA A 600 33.91 4.05 13.60
CA ALA A 600 32.55 3.54 13.57
C ALA A 600 32.50 2.27 12.72
N HIS A 601 31.79 1.27 13.21
CA HIS A 601 31.62 -0.02 12.55
C HIS A 601 30.51 0.07 11.47
N ASP A 602 30.85 -0.35 10.25
CA ASP A 602 29.91 -0.36 9.13
C ASP A 602 29.24 -1.74 9.06
N LEU A 603 27.91 -1.75 9.17
CA LEU A 603 27.10 -2.97 9.14
C LEU A 603 26.90 -3.59 7.76
N ILE A 604 27.17 -2.81 6.70
CA ILE A 604 27.03 -3.29 5.32
C ILE A 604 28.27 -4.06 4.88
N GLY A 605 29.43 -3.39 4.91
CA GLY A 605 30.68 -3.99 4.49
C GLY A 605 31.40 -4.80 5.57
N GLY A 606 31.17 -4.46 6.83
CA GLY A 606 31.78 -5.17 7.94
C GLY A 606 33.10 -4.60 8.44
N LYS A 607 33.61 -3.58 7.76
CA LYS A 607 34.87 -2.94 8.11
C LYS A 607 34.70 -1.82 9.14
N THR A 608 35.78 -1.51 9.86
CA THR A 608 35.79 -0.44 10.87
C THR A 608 36.31 0.79 10.11
N VAL A 609 35.43 1.79 9.99
CA VAL A 609 35.74 3.02 9.26
C VAL A 609 36.14 4.20 10.15
N SER A 610 37.19 4.90 9.73
CA SER A 610 37.70 6.08 10.43
C SER A 610 36.96 7.31 9.91
N LEU A 611 36.35 8.05 10.83
CA LEU A 611 35.59 9.25 10.49
C LEU A 611 36.33 10.55 10.80
N ASN A 612 37.60 10.44 11.20
CA ASN A 612 38.45 11.58 11.52
C ASN A 612 39.23 12.06 10.28
N GLN A 613 39.01 11.37 9.16
CA GLN A 613 39.63 11.67 7.87
C GLN A 613 38.53 11.61 6.81
N ASP A 614 38.87 12.01 5.57
CA ASP A 614 37.93 12.00 4.45
C ASP A 614 37.36 10.60 4.15
N LEU A 615 36.04 10.52 4.06
CA LEU A 615 35.35 9.27 3.78
C LEU A 615 34.91 9.24 2.31
N THR A 616 35.55 8.36 1.55
CA THR A 616 35.27 8.20 0.13
C THR A 616 34.39 6.97 -0.11
N LEU A 617 33.17 7.22 -0.58
CA LEU A 617 32.21 6.17 -0.89
C LEU A 617 32.36 5.77 -2.35
N GLN A 618 32.37 4.47 -2.60
CA GLN A 618 32.50 3.90 -3.94
C GLN A 618 31.17 4.05 -4.70
N PRO A 619 31.17 3.90 -6.06
CA PRO A 619 29.91 4.03 -6.83
C PRO A 619 28.73 3.24 -6.26
N TYR A 620 27.70 3.97 -5.84
CA TYR A 620 26.46 3.45 -5.25
C TYR A 620 26.61 2.67 -3.94
N GLN A 621 27.63 3.03 -3.15
CA GLN A 621 27.91 2.38 -1.87
C GLN A 621 26.99 2.86 -0.76
N VAL A 622 26.55 1.92 0.07
CA VAL A 622 25.71 2.19 1.22
C VAL A 622 26.53 1.86 2.46
N MET A 623 26.44 2.73 3.46
CA MET A 623 27.14 2.54 4.72
C MET A 623 26.20 2.79 5.89
N TRP A 624 26.12 1.81 6.80
CA TRP A 624 25.28 1.90 8.00
C TRP A 624 26.23 1.88 9.19
N LEU A 625 26.62 3.08 9.62
CA LEU A 625 27.57 3.27 10.72
C LEU A 625 26.97 3.35 12.11
N GLU A 626 27.53 2.57 13.02
CA GLU A 626 27.10 2.56 14.43
C GLU A 626 27.87 3.65 15.17
N ILE A 627 27.20 4.78 15.41
CA ILE A 627 27.82 5.90 16.10
C ILE A 627 27.52 5.97 17.61
N ALA A 628 26.75 4.99 18.08
CA ALA A 628 26.37 4.85 19.51
C ALA A 628 25.73 3.49 19.78
#